data_2LL2
#
_entry.id   2LL2
#
_entity_poly.entity_id   1
_entity_poly.type   'polypeptide(L)'
_entity_poly.pdbx_seq_one_letter_code
;KGVKDRVKGKSDPYHATSGALSPAKD
;
_entity_poly.pdbx_strand_id   A
#
# COMPACT_ATOMS: atom_id res chain seq x y z
N LYS A 1 6.16 -11.22 -0.13
CA LYS A 1 4.94 -11.57 0.65
C LYS A 1 3.87 -10.50 0.50
N GLY A 2 2.67 -10.80 0.98
CA GLY A 2 1.57 -9.85 0.89
C GLY A 2 0.85 -9.69 2.21
N VAL A 3 0.35 -8.48 2.47
CA VAL A 3 -0.36 -8.18 3.69
C VAL A 3 -0.76 -6.72 3.75
N LYS A 4 -1.98 -6.51 4.20
CA LYS A 4 -2.56 -5.23 4.36
C LYS A 4 -3.05 -5.13 5.77
N ASP A 5 -4.36 -5.13 5.96
CA ASP A 5 -4.92 -5.01 7.30
C ASP A 5 -4.51 -3.69 7.87
N ARG A 6 -3.29 -3.36 7.54
CA ARG A 6 -2.65 -2.15 7.91
C ARG A 6 -3.19 -1.02 7.12
N VAL A 7 -3.50 -1.39 5.96
CA VAL A 7 -4.06 -0.49 4.99
C VAL A 7 -5.45 -0.07 5.37
N LYS A 8 -6.10 -0.91 6.15
CA LYS A 8 -7.49 -0.68 6.57
C LYS A 8 -7.78 0.80 6.69
N GLY A 9 -6.79 1.47 7.21
CA GLY A 9 -6.86 2.90 7.36
C GLY A 9 -6.81 3.57 6.02
N LYS A 10 -6.73 2.76 4.95
CA LYS A 10 -6.69 3.23 3.60
C LYS A 10 -5.69 4.36 3.40
N SER A 11 -5.09 4.75 4.49
CA SER A 11 -4.09 5.81 4.52
C SER A 11 -2.71 5.21 4.40
N ASP A 12 -2.67 3.90 4.34
CA ASP A 12 -1.41 3.18 4.24
C ASP A 12 -0.52 3.79 3.17
N PRO A 13 0.57 4.41 3.60
CA PRO A 13 1.52 5.10 2.71
C PRO A 13 2.40 4.21 1.84
N TYR A 14 2.72 3.06 2.37
CA TYR A 14 3.61 2.10 1.68
C TYR A 14 2.91 1.52 0.48
N HIS A 15 1.68 1.12 0.68
CA HIS A 15 0.87 0.62 -0.40
C HIS A 15 0.43 1.78 -1.26
N ALA A 16 0.40 2.91 -0.59
CA ALA A 16 0.04 4.17 -1.19
C ALA A 16 1.04 4.59 -2.23
N THR A 17 2.24 4.14 -1.99
CA THR A 17 3.35 4.45 -2.84
C THR A 17 3.33 3.51 -4.00
N SER A 18 3.05 2.30 -3.64
CA SER A 18 2.94 1.22 -4.61
C SER A 18 1.63 1.34 -5.38
N GLY A 19 0.71 2.12 -4.83
CA GLY A 19 -0.57 2.32 -5.49
C GLY A 19 -0.45 3.31 -6.62
N ALA A 20 -0.02 4.53 -6.31
CA ALA A 20 0.19 5.53 -7.35
C ALA A 20 1.19 4.95 -8.36
N LEU A 21 1.99 4.02 -7.86
CA LEU A 21 3.00 3.34 -8.66
C LEU A 21 2.53 1.94 -9.06
N SER A 22 1.26 1.64 -8.76
CA SER A 22 0.62 0.36 -9.05
C SER A 22 1.60 -0.78 -9.38
N PRO A 23 2.24 -0.79 -10.57
CA PRO A 23 3.18 -1.85 -10.92
C PRO A 23 4.28 -2.01 -9.90
N ALA A 24 4.36 -0.99 -9.09
CA ALA A 24 5.32 -0.92 -8.01
C ALA A 24 5.07 -2.01 -6.97
N LYS A 25 3.79 -2.39 -6.83
CA LYS A 25 3.41 -3.43 -5.87
C LYS A 25 4.20 -4.72 -6.10
N ASP A 26 3.67 -5.60 -6.94
CA ASP A 26 4.32 -6.86 -7.25
C ASP A 26 5.61 -6.64 -8.05
N LYS A 1 8.91 -3.11 6.00
CA LYS A 1 8.22 -4.06 6.90
C LYS A 1 7.02 -4.71 6.21
N GLY A 2 6.23 -5.47 6.97
CA GLY A 2 5.07 -6.13 6.41
C GLY A 2 3.83 -5.95 7.27
N VAL A 3 2.92 -5.10 6.81
CA VAL A 3 1.68 -4.84 7.53
C VAL A 3 0.63 -4.28 6.60
N LYS A 4 -0.49 -4.98 6.51
CA LYS A 4 -1.58 -4.58 5.65
C LYS A 4 -2.88 -4.57 6.39
N ASP A 5 -2.74 -4.34 7.64
CA ASP A 5 -3.87 -4.20 8.52
C ASP A 5 -4.09 -2.73 8.74
N ARG A 6 -3.04 -1.99 8.43
CA ARG A 6 -3.01 -0.57 8.49
C ARG A 6 -3.75 0.04 7.35
N VAL A 7 -3.65 -0.68 6.30
CA VAL A 7 -4.25 -0.34 5.04
C VAL A 7 -5.72 -0.12 5.21
N LYS A 8 -6.26 -0.78 6.21
CA LYS A 8 -7.64 -0.62 6.57
C LYS A 8 -7.91 0.84 6.67
N GLY A 9 -6.92 1.48 7.24
CA GLY A 9 -6.92 2.90 7.40
C GLY A 9 -6.75 3.60 6.08
N LYS A 10 -6.73 2.80 5.01
CA LYS A 10 -6.58 3.29 3.66
C LYS A 10 -5.61 4.45 3.53
N SER A 11 -4.97 4.79 4.63
CA SER A 11 -3.98 5.84 4.68
C SER A 11 -2.60 5.28 4.49
N ASP A 12 -2.57 3.95 4.42
CA ASP A 12 -1.31 3.24 4.25
C ASP A 12 -0.47 3.87 3.15
N PRO A 13 0.63 4.51 3.53
CA PRO A 13 1.52 5.20 2.61
C PRO A 13 2.39 4.32 1.70
N TYR A 14 2.76 3.20 2.22
CA TYR A 14 3.64 2.24 1.51
C TYR A 14 2.94 1.67 0.30
N HIS A 15 1.71 1.24 0.51
CA HIS A 15 0.91 0.73 -0.56
C HIS A 15 0.43 1.89 -1.39
N ALA A 16 0.36 3.02 -0.72
CA ALA A 16 -0.04 4.27 -1.27
C ALA A 16 0.91 4.71 -2.35
N THR A 17 2.14 4.31 -2.16
CA THR A 17 3.20 4.64 -3.06
C THR A 17 3.19 3.68 -4.19
N SER A 18 2.96 2.47 -3.79
CA SER A 18 2.86 1.36 -4.72
C SER A 18 1.56 1.43 -5.48
N GLY A 19 0.60 2.18 -4.93
CA GLY A 19 -0.68 2.32 -5.58
C GLY A 19 -0.59 3.25 -6.77
N ALA A 20 -0.19 4.49 -6.53
CA ALA A 20 -0.01 5.43 -7.63
C ALA A 20 0.99 4.82 -8.61
N LEU A 21 1.83 3.94 -8.07
CA LEU A 21 2.83 3.24 -8.84
C LEU A 21 2.40 1.82 -9.17
N SER A 22 1.14 1.50 -8.85
CA SER A 22 0.54 0.19 -9.07
C SER A 22 1.54 -0.94 -9.34
N PRO A 23 2.15 -0.99 -10.55
CA PRO A 23 3.13 -2.03 -10.87
C PRO A 23 4.27 -2.09 -9.88
N ALA A 24 4.31 -1.05 -9.10
CA ALA A 24 5.31 -0.88 -8.06
C ALA A 24 5.26 -2.04 -7.07
N LYS A 25 4.08 -2.60 -6.88
CA LYS A 25 3.89 -3.72 -5.97
C LYS A 25 3.70 -5.03 -6.73
N ASP A 26 2.94 -4.97 -7.82
CA ASP A 26 2.68 -6.16 -8.63
C ASP A 26 3.56 -6.15 -9.88
N LYS A 1 4.26 -9.69 2.11
CA LYS A 1 3.95 -10.44 3.35
C LYS A 1 4.19 -9.58 4.60
N GLY A 2 3.49 -8.47 4.68
CA GLY A 2 3.64 -7.57 5.82
C GLY A 2 2.36 -7.44 6.63
N VAL A 3 1.40 -6.70 6.09
CA VAL A 3 0.12 -6.49 6.76
C VAL A 3 -0.78 -5.59 5.92
N LYS A 4 -2.01 -6.04 5.76
CA LYS A 4 -3.00 -5.32 4.99
C LYS A 4 -4.22 -5.02 5.80
N ASP A 5 -3.95 -4.90 7.06
CA ASP A 5 -4.94 -4.53 8.03
C ASP A 5 -4.72 -3.08 8.38
N ARG A 6 -3.55 -2.63 7.98
CA ARG A 6 -3.14 -1.26 8.14
C ARG A 6 -3.82 -0.41 7.13
N VAL A 7 -3.82 -0.99 6.00
CA VAL A 7 -4.42 -0.41 4.81
C VAL A 7 -5.85 -0.08 5.06
N LYS A 8 -6.43 -0.79 5.99
CA LYS A 8 -7.81 -0.56 6.39
C LYS A 8 -7.99 0.92 6.57
N GLY A 9 -6.97 1.46 7.17
CA GLY A 9 -6.90 2.88 7.41
C GLY A 9 -6.73 3.64 6.13
N LYS A 10 -6.73 2.90 5.01
CA LYS A 10 -6.57 3.44 3.69
C LYS A 10 -5.60 4.62 3.62
N SER A 11 -4.93 4.86 4.73
CA SER A 11 -3.96 5.92 4.84
C SER A 11 -2.57 5.38 4.57
N ASP A 12 -2.51 4.06 4.48
CA ASP A 12 -1.26 3.38 4.24
C ASP A 12 -0.48 4.04 3.10
N PRO A 13 0.61 4.73 3.44
CA PRO A 13 1.45 5.44 2.48
C PRO A 13 2.35 4.60 1.57
N TYR A 14 2.82 3.51 2.11
CA TYR A 14 3.75 2.62 1.39
C TYR A 14 3.07 1.94 0.24
N HIS A 15 1.90 1.41 0.50
CA HIS A 15 1.12 0.80 -0.53
C HIS A 15 0.51 1.88 -1.39
N ALA A 16 0.38 3.01 -0.75
CA ALA A 16 -0.14 4.22 -1.35
C ALA A 16 0.74 4.67 -2.48
N THR A 17 2.00 4.38 -2.30
CA THR A 17 3.00 4.75 -3.24
C THR A 17 3.01 3.74 -4.34
N SER A 18 2.88 2.53 -3.89
CA SER A 18 2.81 1.39 -4.79
C SER A 18 1.49 1.41 -5.55
N GLY A 19 0.52 2.13 -5.01
CA GLY A 19 -0.77 2.23 -5.66
C GLY A 19 -0.71 3.12 -6.88
N ALA A 20 -0.33 4.38 -6.67
CA ALA A 20 -0.17 5.30 -7.78
C ALA A 20 0.84 4.70 -8.75
N LEU A 21 1.70 3.84 -8.20
CA LEU A 21 2.72 3.15 -8.95
C LEU A 21 2.32 1.71 -9.26
N SER A 22 1.06 1.37 -8.94
CA SER A 22 0.48 0.05 -9.13
C SER A 22 1.51 -1.05 -9.38
N PRO A 23 2.13 -1.13 -10.58
CA PRO A 23 3.15 -2.16 -10.85
C PRO A 23 4.29 -2.14 -9.87
N ALA A 24 4.27 -1.10 -9.09
CA ALA A 24 5.27 -0.85 -8.05
C ALA A 24 5.34 -2.02 -7.07
N LYS A 25 4.20 -2.58 -6.72
CA LYS A 25 4.14 -3.69 -5.78
C LYS A 25 4.67 -4.97 -6.43
N ASP A 26 4.34 -5.17 -7.70
CA ASP A 26 4.78 -6.35 -8.43
C ASP A 26 5.86 -5.99 -9.45
N LYS A 1 8.44 -6.79 10.31
CA LYS A 1 7.07 -6.25 10.55
C LYS A 1 6.51 -5.59 9.31
N GLY A 2 5.25 -5.87 9.01
CA GLY A 2 4.61 -5.30 7.84
C GLY A 2 3.37 -4.49 8.19
N VAL A 3 2.64 -4.94 9.21
CA VAL A 3 1.41 -4.28 9.66
C VAL A 3 0.50 -3.92 8.49
N LYS A 4 -0.65 -4.56 8.47
CA LYS A 4 -1.63 -4.37 7.42
C LYS A 4 -2.99 -4.07 7.98
N ASP A 5 -2.96 -3.49 9.12
CA ASP A 5 -4.14 -3.05 9.81
C ASP A 5 -4.29 -1.58 9.57
N ARG A 6 -3.17 -1.04 9.16
CA ARG A 6 -3.02 0.32 8.82
C ARG A 6 -3.59 0.61 7.49
N VAL A 7 -3.33 -0.31 6.66
CA VAL A 7 -3.76 -0.30 5.29
C VAL A 7 -5.24 -0.21 5.20
N LYS A 8 -5.87 -0.72 6.22
CA LYS A 8 -7.30 -0.66 6.34
C LYS A 8 -7.66 0.76 6.41
N GLY A 9 -6.75 1.42 7.07
CA GLY A 9 -6.83 2.85 7.24
C GLY A 9 -6.62 3.57 5.93
N LYS A 10 -6.43 2.78 4.86
CA LYS A 10 -6.22 3.29 3.53
C LYS A 10 -5.35 4.54 3.49
N SER A 11 -4.78 4.85 4.63
CA SER A 11 -3.90 6.00 4.77
C SER A 11 -2.48 5.56 4.60
N ASP A 12 -2.32 4.26 4.57
CA ASP A 12 -1.02 3.63 4.40
C ASP A 12 -0.25 4.29 3.27
N PRO A 13 0.81 5.03 3.62
CA PRO A 13 1.63 5.76 2.65
C PRO A 13 2.53 4.93 1.75
N TYR A 14 2.99 3.84 2.28
CA TYR A 14 3.92 2.94 1.56
C TYR A 14 3.22 2.26 0.41
N HIS A 15 2.06 1.74 0.68
CA HIS A 15 1.25 1.14 -0.35
C HIS A 15 0.65 2.21 -1.20
N ALA A 16 0.52 3.36 -0.56
CA ALA A 16 0.02 4.56 -1.14
C ALA A 16 0.89 5.01 -2.28
N THR A 17 2.14 4.70 -2.12
CA THR A 17 3.14 5.06 -3.06
C THR A 17 3.14 4.05 -4.16
N SER A 18 3.00 2.84 -3.71
CA SER A 18 2.90 1.70 -4.60
C SER A 18 1.60 1.74 -5.36
N GLY A 19 0.63 2.48 -4.83
CA GLY A 19 -0.66 2.60 -5.47
C GLY A 19 -0.57 3.48 -6.70
N ALA A 20 -0.13 4.72 -6.51
CA ALA A 20 0.06 5.61 -7.65
C ALA A 20 1.03 4.95 -8.60
N LEU A 21 1.86 4.07 -8.04
CA LEU A 21 2.85 3.33 -8.79
C LEU A 21 2.38 1.91 -9.08
N SER A 22 1.11 1.63 -8.74
CA SER A 22 0.47 0.34 -8.93
C SER A 22 1.43 -0.82 -9.19
N PRO A 23 2.04 -0.91 -10.40
CA PRO A 23 2.99 -2.00 -10.70
C PRO A 23 4.12 -2.06 -9.71
N ALA A 24 4.20 -1.01 -8.96
CA ALA A 24 5.20 -0.86 -7.91
C ALA A 24 5.09 -1.97 -6.88
N LYS A 25 3.86 -2.40 -6.62
CA LYS A 25 3.60 -3.47 -5.66
C LYS A 25 3.38 -4.80 -6.37
N ASP A 26 2.65 -4.75 -7.47
CA ASP A 26 2.37 -5.97 -8.25
C ASP A 26 2.08 -5.62 -9.70
N LYS A 1 4.90 -8.23 -3.22
CA LYS A 1 4.08 -8.80 -2.11
C LYS A 1 2.60 -8.44 -2.29
N GLY A 2 1.73 -9.14 -1.58
CA GLY A 2 0.31 -8.87 -1.69
C GLY A 2 -0.36 -8.68 -0.33
N VAL A 3 -0.52 -7.42 0.07
CA VAL A 3 -1.14 -7.10 1.34
C VAL A 3 -1.69 -5.68 1.32
N LYS A 4 -2.99 -5.56 1.51
CA LYS A 4 -3.68 -4.31 1.52
C LYS A 4 -4.67 -4.22 2.65
N ASP A 5 -4.42 -5.05 3.60
CA ASP A 5 -5.21 -5.09 4.80
C ASP A 5 -4.51 -4.24 5.82
N ARG A 6 -3.27 -3.93 5.48
CA ARG A 6 -2.43 -3.09 6.27
C ARG A 6 -2.87 -1.69 6.11
N VAL A 7 -3.36 -1.49 4.96
CA VAL A 7 -3.87 -0.21 4.55
C VAL A 7 -5.09 0.13 5.32
N LYS A 8 -5.81 -0.90 5.72
CA LYS A 8 -7.07 -0.78 6.45
C LYS A 8 -7.50 0.66 6.60
N GLY A 9 -6.58 1.45 7.08
CA GLY A 9 -6.82 2.86 7.22
C GLY A 9 -6.75 3.53 5.87
N LYS A 10 -6.65 2.72 4.79
CA LYS A 10 -6.58 3.21 3.46
C LYS A 10 -5.57 4.35 3.29
N SER A 11 -5.03 4.76 4.41
CA SER A 11 -4.04 5.84 4.47
C SER A 11 -2.63 5.30 4.45
N ASP A 12 -2.54 4.00 4.40
CA ASP A 12 -1.25 3.32 4.38
C ASP A 12 -0.30 3.96 3.39
N PRO A 13 0.74 4.61 3.89
CA PRO A 13 1.73 5.32 3.08
C PRO A 13 2.65 4.47 2.20
N TYR A 14 2.92 3.29 2.67
CA TYR A 14 3.82 2.35 1.96
C TYR A 14 3.14 1.80 0.75
N HIS A 15 1.92 1.38 0.92
CA HIS A 15 1.12 0.90 -0.17
C HIS A 15 0.68 2.09 -1.00
N ALA A 16 0.64 3.21 -0.30
CA ALA A 16 0.29 4.48 -0.86
C ALA A 16 1.28 4.89 -1.91
N THR A 17 2.49 4.45 -1.69
CA THR A 17 3.59 4.74 -2.55
C THR A 17 3.53 3.82 -3.72
N SER A 18 3.23 2.61 -3.37
CA SER A 18 3.06 1.55 -4.35
C SER A 18 1.78 1.76 -5.13
N GLY A 19 0.89 2.57 -4.57
CA GLY A 19 -0.37 2.87 -5.25
C GLY A 19 -0.17 3.84 -6.37
N ALA A 20 0.38 5.01 -6.07
CA ALA A 20 0.68 5.98 -7.10
C ALA A 20 1.62 5.32 -8.11
N LEU A 21 2.34 4.32 -7.61
CA LEU A 21 3.27 3.54 -8.41
C LEU A 21 2.67 2.21 -8.83
N SER A 22 1.38 2.04 -8.55
CA SER A 22 0.61 0.83 -8.87
C SER A 22 1.48 -0.38 -9.20
N PRO A 23 2.12 -0.44 -10.40
CA PRO A 23 2.99 -1.57 -10.77
C PRO A 23 4.09 -1.81 -9.76
N ALA A 24 4.19 -0.86 -8.89
CA ALA A 24 5.18 -0.86 -7.82
C ALA A 24 5.08 -2.12 -6.96
N LYS A 25 3.84 -2.57 -6.72
CA LYS A 25 3.62 -3.77 -5.92
C LYS A 25 4.29 -4.98 -6.55
N ASP A 26 4.37 -4.98 -7.88
CA ASP A 26 5.00 -6.08 -8.61
C ASP A 26 6.44 -6.27 -8.18
N LYS A 1 6.40 -9.29 10.45
CA LYS A 1 7.20 -8.08 10.08
C LYS A 1 6.31 -7.00 9.47
N GLY A 2 5.62 -7.35 8.39
CA GLY A 2 4.75 -6.40 7.74
C GLY A 2 3.44 -6.20 8.47
N VAL A 3 2.57 -5.35 7.92
CA VAL A 3 1.28 -5.07 8.52
C VAL A 3 0.32 -4.50 7.49
N LYS A 4 -0.81 -5.18 7.34
CA LYS A 4 -1.82 -4.78 6.40
C LYS A 4 -3.15 -4.60 7.07
N ASP A 5 -3.04 -4.29 8.31
CA ASP A 5 -4.17 -4.00 9.15
C ASP A 5 -4.31 -2.50 9.19
N ARG A 6 -3.20 -1.89 8.89
CA ARG A 6 -3.08 -0.46 8.85
C ARG A 6 -3.73 0.10 7.63
N VAL A 7 -3.57 -0.68 6.65
CA VAL A 7 -4.11 -0.42 5.32
C VAL A 7 -5.59 -0.18 5.39
N LYS A 8 -6.18 -0.79 6.38
CA LYS A 8 -7.59 -0.63 6.66
C LYS A 8 -7.88 0.83 6.70
N GLY A 9 -6.92 1.49 7.31
CA GLY A 9 -6.95 2.92 7.42
C GLY A 9 -6.80 3.60 6.09
N LYS A 10 -6.69 2.77 5.04
CA LYS A 10 -6.54 3.23 3.69
C LYS A 10 -5.64 4.46 3.56
N SER A 11 -5.02 4.81 4.67
CA SER A 11 -4.11 5.93 4.74
C SER A 11 -2.70 5.44 4.55
N ASP A 12 -2.59 4.13 4.49
CA ASP A 12 -1.31 3.47 4.30
C ASP A 12 -0.50 4.11 3.19
N PRO A 13 0.56 4.81 3.56
CA PRO A 13 1.43 5.52 2.64
C PRO A 13 2.32 4.66 1.75
N TYR A 14 2.75 3.56 2.30
CA TYR A 14 3.68 2.64 1.60
C TYR A 14 2.99 1.99 0.43
N HIS A 15 1.79 1.52 0.66
CA HIS A 15 0.99 0.94 -0.39
C HIS A 15 0.46 2.05 -1.26
N ALA A 16 0.36 3.20 -0.62
CA ALA A 16 -0.10 4.42 -1.21
C ALA A 16 0.83 4.86 -2.30
N THR A 17 2.07 4.52 -2.11
CA THR A 17 3.12 4.87 -3.01
C THR A 17 3.13 3.89 -4.13
N SER A 18 2.96 2.67 -3.71
CA SER A 18 2.88 1.55 -4.63
C SER A 18 1.55 1.56 -5.36
N GLY A 19 0.59 2.30 -4.81
CA GLY A 19 -0.72 2.40 -5.43
C GLY A 19 -0.67 3.24 -6.67
N ALA A 20 -0.33 4.52 -6.53
CA ALA A 20 -0.21 5.38 -7.68
C ALA A 20 0.84 4.76 -8.62
N LEU A 21 1.71 3.97 -8.00
CA LEU A 21 2.77 3.26 -8.70
C LEU A 21 2.38 1.82 -8.99
N SER A 22 1.11 1.49 -8.73
CA SER A 22 0.55 0.15 -8.91
C SER A 22 1.55 -0.93 -9.33
N PRO A 23 2.19 -0.84 -10.51
CA PRO A 23 3.18 -1.86 -10.94
C PRO A 23 4.32 -1.96 -9.98
N ALA A 24 4.31 -1.01 -9.10
CA ALA A 24 5.30 -0.87 -8.03
C ALA A 24 5.35 -2.12 -7.18
N LYS A 25 4.19 -2.73 -6.94
CA LYS A 25 4.10 -3.94 -6.13
C LYS A 25 4.92 -5.07 -6.73
N ASP A 26 4.31 -5.85 -7.62
CA ASP A 26 4.99 -6.96 -8.26
C ASP A 26 4.42 -7.22 -9.64
N LYS A 1 6.28 -9.71 7.84
CA LYS A 1 6.89 -8.35 7.82
C LYS A 1 5.88 -7.28 7.41
N GLY A 2 5.05 -7.62 6.41
CA GLY A 2 4.05 -6.68 5.96
C GLY A 2 2.65 -7.09 6.34
N VAL A 3 1.66 -6.39 5.81
CA VAL A 3 0.26 -6.66 6.08
C VAL A 3 -0.63 -5.62 5.41
N LYS A 4 -1.71 -6.09 4.82
CA LYS A 4 -2.64 -5.23 4.13
C LYS A 4 -3.88 -4.97 4.94
N ASP A 5 -3.73 -5.23 6.19
CA ASP A 5 -4.75 -4.96 7.16
C ASP A 5 -4.38 -3.67 7.84
N ARG A 6 -3.15 -3.29 7.57
CA ARG A 6 -2.57 -2.07 8.04
C ARG A 6 -3.11 -0.94 7.28
N VAL A 7 -3.33 -1.27 6.08
CA VAL A 7 -3.86 -0.37 5.10
C VAL A 7 -5.28 -0.01 5.41
N LYS A 8 -5.96 -0.87 6.14
CA LYS A 8 -7.37 -0.68 6.49
C LYS A 8 -7.70 0.77 6.61
N GLY A 9 -6.76 1.46 7.19
CA GLY A 9 -6.88 2.88 7.33
C GLY A 9 -6.79 3.58 5.99
N LYS A 10 -6.69 2.77 4.92
CA LYS A 10 -6.60 3.24 3.58
C LYS A 10 -5.62 4.40 3.41
N SER A 11 -5.06 4.79 4.52
CA SER A 11 -4.07 5.86 4.57
C SER A 11 -2.68 5.29 4.51
N ASP A 12 -2.62 3.98 4.44
CA ASP A 12 -1.35 3.28 4.37
C ASP A 12 -0.44 3.91 3.33
N PRO A 13 0.63 4.55 3.78
CA PRO A 13 1.58 5.24 2.91
C PRO A 13 2.46 4.37 2.02
N TYR A 14 2.78 3.21 2.53
CA TYR A 14 3.65 2.25 1.81
C TYR A 14 2.94 1.69 0.60
N HIS A 15 1.72 1.29 0.81
CA HIS A 15 0.90 0.81 -0.27
C HIS A 15 0.45 1.98 -1.10
N ALA A 16 0.42 3.10 -0.42
CA ALA A 16 0.06 4.37 -0.98
C ALA A 16 1.03 4.79 -2.05
N THR A 17 2.24 4.36 -1.85
CA THR A 17 3.33 4.67 -2.72
C THR A 17 3.29 3.73 -3.87
N SER A 18 3.03 2.51 -3.51
CA SER A 18 2.90 1.43 -4.48
C SER A 18 1.57 1.54 -5.20
N GLY A 19 0.66 2.31 -4.64
CA GLY A 19 -0.65 2.50 -5.26
C GLY A 19 -0.56 3.40 -6.46
N ALA A 20 -0.15 4.65 -6.25
CA ALA A 20 0.02 5.57 -7.36
C ALA A 20 1.03 4.94 -8.32
N LEU A 21 1.87 4.07 -7.75
CA LEU A 21 2.89 3.36 -8.49
C LEU A 21 2.44 1.94 -8.83
N SER A 22 1.16 1.65 -8.58
CA SER A 22 0.54 0.35 -8.81
C SER A 22 1.51 -0.77 -9.24
N PRO A 23 2.16 -0.69 -10.42
CA PRO A 23 3.10 -1.72 -10.86
C PRO A 23 4.24 -1.88 -9.89
N ALA A 24 4.26 -0.95 -9.01
CA ALA A 24 5.24 -0.87 -7.94
C ALA A 24 5.22 -2.12 -7.07
N LYS A 25 4.02 -2.60 -6.79
CA LYS A 25 3.83 -3.79 -5.97
C LYS A 25 3.87 -5.06 -6.82
N ASP A 26 3.44 -4.93 -8.07
CA ASP A 26 3.41 -6.07 -8.98
C ASP A 26 4.82 -6.56 -9.28
N LYS A 1 9.67 -0.30 10.15
CA LYS A 1 8.40 -0.13 9.40
C LYS A 1 7.97 -1.45 8.76
N GLY A 2 6.71 -1.83 8.97
CA GLY A 2 6.20 -3.06 8.40
C GLY A 2 4.85 -3.45 8.97
N VAL A 3 3.80 -3.25 8.19
CA VAL A 3 2.46 -3.58 8.61
C VAL A 3 1.44 -3.28 7.52
N LYS A 4 0.64 -4.27 7.19
CA LYS A 4 -0.37 -4.15 6.16
C LYS A 4 -1.76 -4.24 6.73
N ASP A 5 -1.80 -4.17 8.02
CA ASP A 5 -3.04 -4.16 8.76
C ASP A 5 -3.37 -2.70 8.99
N ARG A 6 -2.35 -1.92 8.73
CA ARG A 6 -2.37 -0.51 8.84
C ARG A 6 -3.12 0.08 7.71
N VAL A 7 -3.01 -0.64 6.65
CA VAL A 7 -3.64 -0.28 5.41
C VAL A 7 -5.12 -0.13 5.55
N LYS A 8 -5.68 -0.81 6.53
CA LYS A 8 -7.12 -0.76 6.77
C LYS A 8 -7.59 0.67 6.73
N GLY A 9 -6.70 1.48 7.22
CA GLY A 9 -6.91 2.91 7.25
C GLY A 9 -6.70 3.50 5.90
N LYS A 10 -6.45 2.62 4.92
CA LYS A 10 -6.21 2.99 3.55
C LYS A 10 -5.37 4.26 3.41
N SER A 11 -4.85 4.72 4.54
CA SER A 11 -3.98 5.87 4.59
C SER A 11 -2.55 5.41 4.55
N ASP A 12 -2.41 4.10 4.55
CA ASP A 12 -1.10 3.46 4.49
C ASP A 12 -0.23 4.11 3.42
N PRO A 13 0.81 4.81 3.85
CA PRO A 13 1.71 5.54 2.96
C PRO A 13 2.61 4.69 2.06
N TYR A 14 2.99 3.56 2.57
CA TYR A 14 3.90 2.63 1.86
C TYR A 14 3.19 2.02 0.68
N HIS A 15 1.99 1.56 0.92
CA HIS A 15 1.17 1.02 -0.13
C HIS A 15 0.66 2.16 -0.98
N ALA A 16 0.57 3.28 -0.31
CA ALA A 16 0.16 4.53 -0.89
C ALA A 16 1.09 4.96 -1.98
N THR A 17 2.32 4.58 -1.79
CA THR A 17 3.37 4.90 -2.70
C THR A 17 3.32 3.95 -3.83
N SER A 18 3.10 2.73 -3.45
CA SER A 18 2.96 1.64 -4.39
C SER A 18 1.64 1.76 -5.13
N GLY A 19 0.72 2.53 -4.57
CA GLY A 19 -0.57 2.73 -5.19
C GLY A 19 -0.47 3.61 -6.41
N ALA A 20 -0.04 4.86 -6.21
CA ALA A 20 0.15 5.75 -7.35
C ALA A 20 1.16 5.09 -8.29
N LEU A 21 1.97 4.22 -7.70
CA LEU A 21 2.99 3.47 -8.41
C LEU A 21 2.50 2.07 -8.76
N SER A 22 1.21 1.81 -8.52
CA SER A 22 0.55 0.53 -8.75
C SER A 22 1.49 -0.61 -9.19
N PRO A 23 2.15 -0.52 -10.38
CA PRO A 23 3.07 -1.59 -10.83
C PRO A 23 4.19 -1.80 -9.86
N ALA A 24 4.22 -0.89 -8.95
CA ALA A 24 5.21 -0.86 -7.87
C ALA A 24 5.16 -2.14 -7.05
N LYS A 25 4.02 -2.83 -7.07
CA LYS A 25 3.86 -4.06 -6.32
C LYS A 25 4.99 -5.05 -6.62
N ASP A 26 4.80 -5.88 -7.64
CA ASP A 26 5.81 -6.86 -8.02
C ASP A 26 6.80 -6.27 -9.03
N LYS A 1 -0.37 -12.64 8.40
CA LYS A 1 -1.25 -11.46 8.56
C LYS A 1 -0.51 -10.18 8.22
N GLY A 2 -0.98 -9.48 7.19
CA GLY A 2 -0.34 -8.24 6.78
C GLY A 2 -0.47 -8.00 5.29
N VAL A 3 -1.68 -7.74 4.83
CA VAL A 3 -1.94 -7.49 3.43
C VAL A 3 -2.60 -6.13 3.25
N LYS A 4 -3.57 -6.03 2.34
CA LYS A 4 -4.26 -4.77 2.08
C LYS A 4 -5.33 -4.50 3.12
N ASP A 5 -5.33 -5.33 4.11
CA ASP A 5 -6.23 -5.17 5.23
C ASP A 5 -5.52 -4.26 6.19
N ARG A 6 -4.25 -4.07 5.89
CA ARG A 6 -3.40 -3.21 6.62
C ARG A 6 -3.73 -1.81 6.31
N VAL A 7 -4.22 -1.71 5.15
CA VAL A 7 -4.64 -0.44 4.62
C VAL A 7 -5.84 0.07 5.33
N LYS A 8 -6.62 -0.86 5.85
CA LYS A 8 -7.87 -0.56 6.55
C LYS A 8 -8.05 0.92 6.79
N GLY A 9 -7.01 1.50 7.29
CA GLY A 9 -7.00 2.92 7.52
C GLY A 9 -6.85 3.65 6.21
N LYS A 10 -6.94 2.91 5.09
CA LYS A 10 -6.82 3.46 3.77
C LYS A 10 -5.72 4.53 3.67
N SER A 11 -5.04 4.74 4.76
CA SER A 11 -3.93 5.68 4.86
C SER A 11 -2.62 4.98 4.65
N ASP A 12 -2.71 3.68 4.50
CA ASP A 12 -1.54 2.84 4.30
C ASP A 12 -0.59 3.44 3.27
N PRO A 13 0.56 3.93 3.73
CA PRO A 13 1.56 4.57 2.89
C PRO A 13 2.36 3.66 1.96
N TYR A 14 2.61 2.47 2.44
CA TYR A 14 3.40 1.47 1.68
C TYR A 14 2.67 1.06 0.43
N HIS A 15 1.41 0.78 0.58
CA HIS A 15 0.57 0.44 -0.53
C HIS A 15 0.23 1.68 -1.30
N ALA A 16 0.30 2.77 -0.57
CA ALA A 16 0.04 4.09 -1.07
C ALA A 16 1.06 4.52 -2.07
N THR A 17 2.22 3.98 -1.92
CA THR A 17 3.33 4.30 -2.74
C THR A 17 3.34 3.38 -3.92
N SER A 18 3.03 2.17 -3.60
CA SER A 18 2.92 1.12 -4.58
C SER A 18 1.56 1.16 -5.25
N GLY A 19 0.64 1.91 -4.66
CA GLY A 19 -0.69 2.05 -5.22
C GLY A 19 -0.69 2.97 -6.41
N ALA A 20 -0.34 4.23 -6.19
CA ALA A 20 -0.25 5.17 -7.29
C ALA A 20 0.74 4.61 -8.29
N LEU A 21 1.67 3.80 -7.76
CA LEU A 21 2.70 3.15 -8.55
C LEU A 21 2.31 1.72 -8.89
N SER A 22 1.05 1.35 -8.59
CA SER A 22 0.49 0.02 -8.83
C SER A 22 1.51 -1.03 -9.27
N PRO A 23 2.12 -0.93 -10.47
CA PRO A 23 3.13 -1.92 -10.93
C PRO A 23 4.31 -1.99 -10.02
N ALA A 24 4.29 -1.06 -9.12
CA ALA A 24 5.32 -0.87 -8.11
C ALA A 24 5.52 -2.14 -7.28
N LYS A 25 4.42 -2.80 -6.95
CA LYS A 25 4.49 -4.03 -6.16
C LYS A 25 5.38 -5.07 -6.83
N ASP A 26 5.44 -5.02 -8.16
CA ASP A 26 6.26 -5.95 -8.92
C ASP A 26 7.52 -5.27 -9.45
N LYS A 1 6.37 -8.09 2.99
CA LYS A 1 5.38 -7.15 2.41
C LYS A 1 4.03 -7.83 2.18
N GLY A 2 2.99 -7.29 2.80
CA GLY A 2 1.66 -7.85 2.65
C GLY A 2 0.65 -7.24 3.60
N VAL A 3 -0.35 -8.02 3.98
CA VAL A 3 -1.38 -7.56 4.90
C VAL A 3 -2.16 -6.39 4.31
N LYS A 4 -3.48 -6.53 4.30
CA LYS A 4 -4.36 -5.52 3.78
C LYS A 4 -5.33 -5.03 4.82
N ASP A 5 -5.05 -5.42 6.02
CA ASP A 5 -5.81 -4.99 7.16
C ASP A 5 -5.09 -3.81 7.74
N ARG A 6 -3.89 -3.63 7.23
CA ARG A 6 -3.03 -2.55 7.58
C ARG A 6 -3.51 -1.32 6.92
N VAL A 7 -3.96 -1.57 5.77
CA VAL A 7 -4.51 -0.58 4.90
C VAL A 7 -5.83 -0.08 5.40
N LYS A 8 -6.49 -0.91 6.19
CA LYS A 8 -7.83 -0.59 6.73
C LYS A 8 -8.01 0.90 6.87
N GLY A 9 -6.96 1.50 7.34
CA GLY A 9 -6.94 2.93 7.48
C GLY A 9 -6.87 3.61 6.14
N LYS A 10 -6.95 2.80 5.07
CA LYS A 10 -6.90 3.27 3.71
C LYS A 10 -5.87 4.38 3.50
N SER A 11 -5.15 4.69 4.57
CA SER A 11 -4.10 5.68 4.56
C SER A 11 -2.77 5.01 4.34
N ASP A 12 -2.83 3.70 4.21
CA ASP A 12 -1.65 2.88 4.01
C ASP A 12 -0.76 3.49 2.93
N PRO A 13 0.39 4.02 3.34
CA PRO A 13 1.35 4.68 2.43
C PRO A 13 2.10 3.78 1.47
N TYR A 14 2.37 2.59 1.92
CA TYR A 14 3.13 1.60 1.13
C TYR A 14 2.36 1.20 -0.10
N HIS A 15 1.10 0.91 0.10
CA HIS A 15 0.20 0.59 -0.98
C HIS A 15 -0.16 1.85 -1.73
N ALA A 16 -0.06 2.92 -1.00
CA ALA A 16 -0.33 4.25 -1.47
C ALA A 16 0.72 4.71 -2.44
N THR A 17 1.87 4.16 -2.24
CA THR A 17 3.03 4.49 -3.03
C THR A 17 3.22 3.47 -4.11
N SER A 18 2.61 2.34 -3.85
CA SER A 18 2.61 1.26 -4.80
C SER A 18 1.33 1.29 -5.62
N GLY A 19 0.34 2.04 -5.12
CA GLY A 19 -0.92 2.16 -5.83
C GLY A 19 -0.78 3.06 -7.03
N ALA A 20 -0.46 4.32 -6.79
CA ALA A 20 -0.25 5.24 -7.90
C ALA A 20 0.85 4.67 -8.78
N LEU A 21 1.69 3.84 -8.16
CA LEU A 21 2.79 3.17 -8.83
C LEU A 21 2.44 1.74 -9.20
N SER A 22 1.16 1.38 -9.01
CA SER A 22 0.62 0.05 -9.28
C SER A 22 1.67 -1.02 -9.62
N PRO A 23 2.39 -0.92 -10.76
CA PRO A 23 3.42 -1.92 -11.11
C PRO A 23 4.51 -1.99 -10.06
N ALA A 24 4.40 -1.05 -9.20
CA ALA A 24 5.32 -0.88 -8.07
C ALA A 24 5.33 -2.11 -7.18
N LYS A 25 4.16 -2.68 -6.96
CA LYS A 25 4.02 -3.87 -6.13
C LYS A 25 4.27 -5.14 -6.94
N ASP A 26 4.09 -5.06 -8.25
CA ASP A 26 4.30 -6.20 -9.13
C ASP A 26 3.34 -7.34 -8.78
#